data_6O9W
#
_entry.id   6O9W
#
_cell.length_a   53.355
_cell.length_b   92.647
_cell.length_c   56.472
_cell.angle_alpha   90.000
_cell.angle_beta   104.570
_cell.angle_gamma   90.000
#
_symmetry.space_group_name_H-M   'P 1 21 1'
#
loop_
_entity.id
_entity.type
_entity.pdbx_description
1 polymer 'Regulatory protein BlaR1'
2 non-polymer (2S,5R)-1-formyl-5-[(sulfooxy)amino]piperidine-2-carboxamide
3 water water
#
_entity_poly.entity_id   1
_entity_poly.type   'polypeptide(L)'
_entity_poly.pdbx_seq_one_letter_code
;GSHMGQSITDYNYKKPLHNDYQILDKSKIFGSNSGSFVMYSMKKDKYYIYNEKESRKRYSPNSTYKIYLAMFGLDRHIIN
DENSRMSWNHKHYPFDAWNKEQDLNTAMQNSVNWYFERISDQIPKNYTATQLKQLNYGNKNLGSYKSYWMEDSLKISNLE
QVIVFKNMMEQNNHFSKKAKNQLSSSLLIKKNEKYELYGKTGTGIVNGKYNNGWFVGYVITNHDKYYFATHLSDGKPSGK
NAELISEKILKEMGVLNGQ
;
_entity_poly.pdbx_strand_id   A,B
#
loop_
_chem_comp.id
_chem_comp.type
_chem_comp.name
_chem_comp.formula
NXL non-polymer (2S,5R)-1-formyl-5-[(sulfooxy)amino]piperidine-2-carboxamide 'C7 H13 N3 O6 S'
#
# COMPACT_ATOMS: atom_id res chain seq x y z
N TYR A 11 5.75 -0.61 -20.29
CA TYR A 11 6.14 -0.12 -21.60
C TYR A 11 6.28 1.39 -21.58
N ASN A 12 6.31 1.98 -22.78
CA ASN A 12 6.19 3.42 -22.98
C ASN A 12 5.00 3.65 -23.92
N TYR A 13 4.26 4.71 -23.66
CA TYR A 13 3.18 5.13 -24.54
C TYR A 13 3.78 5.88 -25.72
N LYS A 14 3.77 5.26 -26.89
CA LYS A 14 4.43 5.81 -28.06
C LYS A 14 3.48 6.48 -29.03
N LYS A 15 2.17 6.29 -28.89
CA LYS A 15 1.24 6.82 -29.88
C LYS A 15 1.37 8.33 -29.99
N PRO A 16 1.52 8.89 -31.18
CA PRO A 16 1.68 10.33 -31.29
C PRO A 16 0.43 11.10 -30.89
N LEU A 17 0.65 12.29 -30.38
CA LEU A 17 -0.41 13.21 -30.01
C LEU A 17 -0.62 14.16 -31.19
N HIS A 18 -1.73 14.00 -31.89
CA HIS A 18 -2.02 14.85 -33.04
C HIS A 18 -2.80 16.07 -32.56
N ASN A 19 -2.09 16.87 -31.79
CA ASN A 19 -2.58 18.06 -31.12
C ASN A 19 -1.39 19.00 -31.07
N ASP A 20 -1.62 20.29 -31.25
CA ASP A 20 -0.53 21.27 -31.18
C ASP A 20 -0.33 21.65 -29.72
N TYR A 21 0.24 20.72 -28.97
CA TYR A 21 0.26 20.85 -27.51
C TYR A 21 1.36 21.78 -27.06
N GLN A 22 1.12 22.45 -25.93
CA GLN A 22 2.04 23.40 -25.37
C GLN A 22 3.02 22.69 -24.45
N ILE A 23 4.31 23.00 -24.62
CA ILE A 23 5.35 22.43 -23.78
C ILE A 23 5.56 23.37 -22.61
N LEU A 24 5.50 22.80 -21.41
CA LEU A 24 5.63 23.58 -20.19
C LEU A 24 7.01 23.36 -19.59
N ASP A 25 7.42 24.31 -18.75
CA ASP A 25 8.60 24.13 -17.88
C ASP A 25 8.13 24.42 -16.46
N LYS A 26 7.75 23.38 -15.72
CA LYS A 26 7.43 23.52 -14.31
C LYS A 26 8.47 22.82 -13.44
N SER A 27 9.72 22.73 -13.91
CA SER A 27 10.77 22.07 -13.15
C SER A 27 10.95 22.72 -11.79
N LYS A 28 10.82 24.05 -11.72
CA LYS A 28 11.03 24.73 -10.45
C LYS A 28 9.98 24.28 -9.43
N ILE A 29 8.72 24.19 -9.84
CA ILE A 29 7.68 23.73 -8.93
C ILE A 29 7.93 22.30 -8.49
N PHE A 30 8.46 21.46 -9.40
CA PHE A 30 8.76 20.08 -9.02
C PHE A 30 9.93 20.02 -8.04
N GLY A 31 10.92 20.93 -8.16
CA GLY A 31 12.02 20.96 -7.21
C GLY A 31 12.88 19.72 -7.29
N SER A 32 13.11 19.09 -6.12
CA SER A 32 13.88 17.86 -6.03
C SER A 32 13.18 16.66 -6.65
N ASN A 33 11.90 16.76 -6.94
CA ASN A 33 11.12 15.64 -7.44
C ASN A 33 11.20 15.54 -8.95
N SER A 34 11.20 14.31 -9.43
CA SER A 34 11.16 14.02 -10.86
C SER A 34 9.77 13.54 -11.24
N GLY A 35 9.29 13.98 -12.39
CA GLY A 35 8.01 13.51 -12.88
C GLY A 35 7.52 14.36 -14.01
N SER A 36 6.19 14.38 -14.16
CA SER A 36 5.57 15.07 -15.28
C SER A 36 4.19 15.58 -14.87
N PHE A 37 3.69 16.52 -15.66
CA PHE A 37 2.38 17.10 -15.50
C PHE A 37 1.75 17.25 -16.88
N VAL A 38 0.49 16.85 -16.99
CA VAL A 38 -0.27 16.92 -18.23
C VAL A 38 -1.62 17.54 -17.92
N MET A 39 -2.07 18.43 -18.81
CA MET A 39 -3.40 19.03 -18.67
C MET A 39 -4.07 19.13 -20.04
N TYR A 40 -5.41 19.15 -20.03
CA TYR A 40 -6.19 19.28 -21.26
C TYR A 40 -7.32 20.24 -21.01
N SER A 41 -7.46 21.24 -21.88
CA SER A 41 -8.51 22.23 -21.78
C SER A 41 -9.62 21.83 -22.74
N MET A 42 -10.85 21.69 -22.21
CA MET A 42 -11.99 21.33 -23.04
C MET A 42 -12.29 22.40 -24.09
N LYS A 43 -12.35 23.67 -23.67
CA LYS A 43 -12.79 24.73 -24.57
C LYS A 43 -11.74 25.04 -25.63
N LYS A 44 -10.47 24.92 -25.29
CA LYS A 44 -9.42 25.15 -26.27
C LYS A 44 -9.06 23.89 -27.04
N ASP A 45 -9.49 22.71 -26.57
CA ASP A 45 -9.12 21.43 -27.16
C ASP A 45 -7.60 21.37 -27.28
N LYS A 46 -6.96 21.53 -26.12
CA LYS A 46 -5.52 21.71 -26.05
C LYS A 46 -4.86 20.95 -24.90
N TYR A 47 -3.77 20.26 -25.20
CA TYR A 47 -2.96 19.58 -24.19
C TYR A 47 -1.77 20.48 -23.83
N TYR A 48 -1.34 20.38 -22.57
CA TYR A 48 -0.16 21.07 -22.04
C TYR A 48 0.64 20.02 -21.28
N ILE A 49 1.95 19.95 -21.55
CA ILE A 49 2.77 18.86 -21.02
C ILE A 49 4.08 19.40 -20.48
N TYR A 50 4.38 19.06 -19.24
CA TYR A 50 5.72 19.25 -18.69
C TYR A 50 6.41 17.90 -18.71
N ASN A 51 7.57 17.83 -19.37
CA ASN A 51 8.38 16.62 -19.40
C ASN A 51 7.68 15.50 -20.17
N GLU A 52 7.60 15.67 -21.50
CA GLU A 52 6.83 14.73 -22.30
C GLU A 52 7.42 13.33 -22.20
N LYS A 53 8.75 13.23 -22.18
CA LYS A 53 9.40 11.93 -22.10
C LYS A 53 8.92 11.14 -20.89
N GLU A 54 8.98 11.74 -19.70
CA GLU A 54 8.50 11.03 -18.53
C GLU A 54 7.01 10.79 -18.61
N SER A 55 6.28 11.71 -19.24
CA SER A 55 4.83 11.60 -19.32
C SER A 55 4.38 10.41 -20.14
N ARG A 56 5.28 9.82 -20.93
CA ARG A 56 4.96 8.66 -21.74
C ARG A 56 5.44 7.36 -21.14
N LYS A 57 6.17 7.40 -20.03
CA LYS A 57 6.57 6.18 -19.34
C LYS A 57 5.39 5.63 -18.55
N ARG A 58 5.23 4.31 -18.59
CA ARG A 58 4.09 3.67 -17.95
C ARG A 58 4.49 3.22 -16.55
N TYR A 59 3.62 3.52 -15.58
CA TYR A 59 3.80 3.13 -14.18
C TYR A 59 2.51 2.54 -13.64
N SER A 60 2.62 1.83 -12.53
CA SER A 60 1.42 1.37 -11.85
C SER A 60 0.56 2.58 -11.48
N PRO A 61 -0.76 2.50 -11.69
CA PRO A 61 -1.65 3.61 -11.30
C PRO A 61 -1.95 3.67 -9.80
N ASN A 62 -1.66 2.61 -9.04
CA ASN A 62 -2.00 2.59 -7.62
C ASN A 62 -3.46 2.97 -7.42
N SER A 63 -3.75 3.79 -6.40
CA SER A 63 -5.14 4.04 -6.04
C SER A 63 -5.88 4.94 -7.04
N THR A 64 -5.17 5.53 -8.02
CA THR A 64 -5.90 6.29 -9.04
C THR A 64 -6.79 5.38 -9.89
N TYR A 65 -6.51 4.07 -9.92
CA TYR A 65 -7.37 3.11 -10.62
C TYR A 65 -8.72 2.94 -9.95
N LYS A 66 -8.88 3.40 -8.71
CA LYS A 66 -10.19 3.37 -8.07
C LYS A 66 -11.22 4.20 -8.83
N ILE A 67 -10.78 5.18 -9.63
CA ILE A 67 -11.69 5.89 -10.51
C ILE A 67 -12.46 4.90 -11.39
N TYR A 68 -11.74 3.96 -11.98
CA TYR A 68 -12.36 3.03 -12.93
C TYR A 68 -13.05 1.88 -12.21
N LEU A 69 -12.49 1.40 -11.12
CA LEU A 69 -13.20 0.39 -10.34
C LEU A 69 -14.56 0.91 -9.88
N ALA A 70 -14.65 2.20 -9.54
CA ALA A 70 -15.92 2.79 -9.14
C ALA A 70 -16.91 2.78 -10.29
N MET A 71 -16.46 3.16 -11.49
CA MET A 71 -17.36 3.16 -12.64
C MET A 71 -17.83 1.74 -12.95
N PHE A 72 -16.90 0.77 -12.92
CA PHE A 72 -17.29 -0.63 -13.09
C PHE A 72 -18.29 -1.06 -12.03
N GLY A 73 -18.04 -0.71 -10.76
CA GLY A 73 -18.96 -1.08 -9.69
C GLY A 73 -20.34 -0.51 -9.89
N LEU A 74 -20.42 0.76 -10.32
CA LEU A 74 -21.69 1.40 -10.61
C LEU A 74 -22.32 0.79 -11.85
N ASP A 75 -21.52 0.58 -12.90
CA ASP A 75 -22.04 0.05 -14.15
C ASP A 75 -22.66 -1.32 -13.94
N ARG A 76 -22.06 -2.15 -13.09
CA ARG A 76 -22.55 -3.50 -12.85
C ARG A 76 -23.46 -3.61 -11.63
N HIS A 77 -23.84 -2.48 -11.02
CA HIS A 77 -24.74 -2.45 -9.86
C HIS A 77 -24.19 -3.21 -8.66
N ILE A 78 -22.86 -3.36 -8.58
CA ILE A 78 -22.23 -3.74 -7.32
C ILE A 78 -22.36 -2.62 -6.30
N ILE A 79 -22.16 -1.38 -6.73
CA ILE A 79 -22.44 -0.19 -5.94
C ILE A 79 -23.87 0.21 -6.25
N ASN A 80 -24.74 0.21 -5.24
CA ASN A 80 -26.17 0.36 -5.46
C ASN A 80 -26.74 1.57 -4.69
N ASP A 81 -28.04 1.77 -4.85
CA ASP A 81 -28.74 2.90 -4.22
C ASP A 81 -28.02 4.22 -4.52
N GLN A 102 -20.27 2.99 5.24
CA GLN A 102 -19.26 2.88 4.18
C GLN A 102 -19.87 2.84 2.77
N ASP A 103 -19.91 4.01 2.14
CA ASP A 103 -20.46 4.18 0.80
C ASP A 103 -19.37 4.72 -0.13
N LEU A 104 -19.74 4.96 -1.39
CA LEU A 104 -18.74 5.30 -2.39
C LEU A 104 -17.94 6.53 -1.98
N ASN A 105 -18.62 7.56 -1.47
CA ASN A 105 -17.93 8.82 -1.16
C ASN A 105 -16.91 8.62 -0.05
N THR A 106 -17.31 7.98 1.06
CA THR A 106 -16.35 7.74 2.14
C THR A 106 -15.22 6.84 1.66
N ALA A 107 -15.54 5.83 0.86
CA ALA A 107 -14.52 4.89 0.39
C ALA A 107 -13.51 5.59 -0.52
N MET A 108 -13.98 6.48 -1.38
CA MET A 108 -13.07 7.16 -2.29
C MET A 108 -12.22 8.22 -1.58
N GLN A 109 -12.87 9.03 -0.72
CA GLN A 109 -12.17 10.15 -0.09
C GLN A 109 -11.13 9.67 0.91
N ASN A 110 -11.39 8.57 1.59
CA ASN A 110 -10.40 8.00 2.49
C ASN A 110 -9.62 6.87 1.84
N SER A 111 -9.92 6.54 0.59
CA SER A 111 -9.17 5.54 -0.17
C SER A 111 -9.12 4.22 0.60
N VAL A 112 -10.31 3.67 0.84
CA VAL A 112 -10.47 2.44 1.61
C VAL A 112 -10.27 1.26 0.68
N ASN A 113 -9.18 0.53 0.88
CA ASN A 113 -8.77 -0.46 -0.12
C ASN A 113 -9.76 -1.61 -0.24
N TRP A 114 -10.26 -2.14 0.89
CA TRP A 114 -11.05 -3.36 0.79
C TRP A 114 -12.28 -3.15 -0.09
N TYR A 115 -12.87 -1.95 -0.05
CA TYR A 115 -14.04 -1.62 -0.87
C TYR A 115 -13.78 -1.85 -2.34
N PHE A 116 -12.62 -1.44 -2.84
CA PHE A 116 -12.33 -1.53 -4.25
C PHE A 116 -11.75 -2.89 -4.64
N GLU A 117 -11.02 -3.54 -3.74
CA GLU A 117 -10.59 -4.90 -4.02
C GLU A 117 -11.80 -5.82 -4.17
N ARG A 118 -12.82 -5.60 -3.34
CA ARG A 118 -14.03 -6.41 -3.43
C ARG A 118 -14.76 -6.18 -4.75
N ILE A 119 -14.86 -4.93 -5.20
CA ILE A 119 -15.48 -4.66 -6.50
C ILE A 119 -14.76 -5.44 -7.58
N SER A 120 -13.42 -5.34 -7.62
CA SER A 120 -12.64 -6.06 -8.61
C SER A 120 -12.92 -7.54 -8.53
N ASP A 121 -12.94 -8.10 -7.31
CA ASP A 121 -13.17 -9.52 -7.16
C ASP A 121 -14.51 -9.96 -7.75
N GLN A 122 -15.49 -9.06 -7.77
CA GLN A 122 -16.84 -9.42 -8.18
C GLN A 122 -17.14 -9.07 -9.64
N ILE A 123 -16.14 -8.67 -10.40
CA ILE A 123 -16.28 -8.32 -11.82
C ILE A 123 -15.62 -9.42 -12.62
N PRO A 124 -16.31 -10.01 -13.62
CA PRO A 124 -15.66 -11.02 -14.45
C PRO A 124 -14.48 -10.44 -15.22
N LYS A 125 -13.45 -11.28 -15.39
CA LYS A 125 -12.22 -10.82 -16.03
C LYS A 125 -12.52 -10.25 -17.43
N ASN A 126 -13.35 -10.95 -18.22
CA ASN A 126 -13.55 -10.54 -19.59
C ASN A 126 -14.31 -9.22 -19.68
N TYR A 127 -15.14 -8.93 -18.67
CA TYR A 127 -15.73 -7.60 -18.60
C TYR A 127 -14.64 -6.57 -18.41
N THR A 128 -13.74 -6.80 -17.46
CA THR A 128 -12.65 -5.84 -17.23
C THR A 128 -11.77 -5.70 -18.47
N ALA A 129 -11.37 -6.82 -19.07
CA ALA A 129 -10.55 -6.77 -20.26
C ALA A 129 -11.22 -5.98 -21.37
N THR A 130 -12.54 -6.17 -21.54
CA THR A 130 -13.28 -5.43 -22.55
C THR A 130 -13.28 -3.95 -22.27
N GLN A 131 -13.48 -3.58 -20.99
CA GLN A 131 -13.50 -2.16 -20.65
C GLN A 131 -12.14 -1.51 -20.88
N LEU A 132 -11.06 -2.15 -20.40
CA LEU A 132 -9.76 -1.52 -20.53
C LEU A 132 -9.37 -1.35 -22.00
N LYS A 133 -9.80 -2.29 -22.86
CA LYS A 133 -9.59 -2.15 -24.30
C LYS A 133 -10.38 -0.98 -24.86
N GLN A 134 -11.69 -0.90 -24.58
CA GLN A 134 -12.50 0.22 -25.08
C GLN A 134 -11.99 1.54 -24.52
N LEU A 135 -11.58 1.57 -23.26
CA LEU A 135 -11.06 2.79 -22.67
C LEU A 135 -9.66 3.14 -23.13
N ASN A 136 -8.91 2.16 -23.66
CA ASN A 136 -7.47 2.26 -23.96
C ASN A 136 -6.62 2.56 -22.72
N TYR A 137 -6.77 1.72 -21.69
CA TYR A 137 -6.11 1.94 -20.42
C TYR A 137 -4.74 1.27 -20.41
N GLY A 138 -3.71 2.04 -20.77
CA GLY A 138 -2.33 1.61 -20.56
C GLY A 138 -2.00 0.32 -21.28
N ASN A 139 -1.29 -0.55 -20.59
CA ASN A 139 -0.88 -1.82 -21.18
C ASN A 139 -1.95 -2.92 -21.06
N LYS A 140 -3.09 -2.63 -20.41
CA LYS A 140 -4.22 -3.55 -20.33
C LYS A 140 -3.86 -4.87 -19.64
N ASN A 141 -2.78 -4.89 -18.86
CA ASN A 141 -2.25 -6.14 -18.32
C ASN A 141 -2.89 -6.42 -16.96
N LEU A 142 -3.74 -7.45 -16.91
CA LEU A 142 -4.47 -7.79 -15.70
C LEU A 142 -3.73 -8.78 -14.82
N GLY A 143 -2.62 -9.35 -15.27
CA GLY A 143 -1.81 -10.18 -14.40
C GLY A 143 -2.62 -11.32 -13.80
N SER A 144 -2.47 -11.51 -12.49
CA SER A 144 -3.20 -12.53 -11.76
C SER A 144 -4.67 -12.17 -11.52
N TYR A 145 -5.09 -10.99 -11.96
CA TYR A 145 -6.46 -10.50 -11.73
C TYR A 145 -6.76 -10.41 -10.24
N LYS A 146 -5.76 -10.02 -9.46
CA LYS A 146 -5.90 -9.73 -8.03
C LYS A 146 -5.05 -8.51 -7.72
N SER A 147 -5.68 -7.41 -7.27
CA SER A 147 -4.98 -6.18 -6.98
C SER A 147 -3.94 -5.86 -8.06
N TYR A 148 -4.32 -6.07 -9.32
CA TYR A 148 -3.39 -5.90 -10.43
C TYR A 148 -2.97 -4.45 -10.62
N TRP A 149 -3.67 -3.50 -10.01
CA TRP A 149 -3.37 -2.07 -10.13
C TRP A 149 -2.39 -1.55 -9.07
N MET A 150 -1.96 -2.38 -8.13
CA MET A 150 -1.16 -1.91 -7.00
C MET A 150 0.26 -2.43 -7.15
N GLU A 151 1.11 -1.60 -7.74
CA GLU A 151 2.51 -1.95 -8.00
C GLU A 151 2.65 -3.35 -8.57
N ASP A 152 1.87 -3.66 -9.60
CA ASP A 152 1.84 -4.99 -10.20
C ASP A 152 1.81 -4.88 -11.72
N SER A 153 0.92 -5.62 -12.38
CA SER A 153 1.02 -5.83 -13.83
C SER A 153 0.53 -4.63 -14.63
N LEU A 154 -0.56 -4.00 -14.20
CA LEU A 154 -1.18 -2.94 -14.96
C LEU A 154 -0.36 -1.67 -14.86
N LYS A 155 -0.13 -1.02 -15.99
CA LYS A 155 0.66 0.20 -16.02
C LYS A 155 0.08 1.15 -17.05
N ILE A 156 0.20 2.45 -16.76
CA ILE A 156 -0.36 3.52 -17.58
C ILE A 156 0.55 4.73 -17.44
N SER A 157 0.64 5.52 -18.50
CA SER A 157 1.48 6.71 -18.47
C SER A 157 0.66 7.91 -18.01
N ASN A 158 1.36 8.94 -17.52
CA ASN A 158 0.68 10.17 -17.10
C ASN A 158 -0.12 10.80 -18.26
N LEU A 159 0.46 10.81 -19.46
CA LEU A 159 -0.30 11.35 -20.58
C LEU A 159 -1.56 10.54 -20.83
N GLU A 160 -1.46 9.21 -20.77
CA GLU A 160 -2.64 8.36 -20.95
C GLU A 160 -3.67 8.62 -19.85
N GLN A 161 -3.22 8.88 -18.62
CA GLN A 161 -4.17 9.10 -17.54
C GLN A 161 -5.14 10.24 -17.88
N VAL A 162 -4.62 11.29 -18.47
CA VAL A 162 -5.45 12.44 -18.82
C VAL A 162 -6.34 12.10 -20.00
N ILE A 163 -5.77 11.55 -21.08
CA ILE A 163 -6.55 11.22 -22.26
C ILE A 163 -7.69 10.28 -21.90
N VAL A 164 -7.39 9.23 -21.13
CA VAL A 164 -8.34 8.17 -20.84
C VAL A 164 -9.46 8.69 -19.97
N PHE A 165 -9.10 9.47 -18.95
CA PHE A 165 -10.09 10.01 -18.02
C PHE A 165 -10.99 11.00 -18.74
N LYS A 166 -10.39 11.91 -19.50
CA LYS A 166 -11.19 12.86 -20.27
C LYS A 166 -12.14 12.13 -21.21
N ASN A 167 -11.64 11.13 -21.94
CA ASN A 167 -12.49 10.44 -22.91
C ASN A 167 -13.60 9.67 -22.22
N MET A 168 -13.30 9.02 -21.09
CA MET A 168 -14.32 8.24 -20.40
C MET A 168 -15.46 9.13 -19.94
N MET A 169 -15.13 10.29 -19.35
CA MET A 169 -16.18 11.20 -18.88
C MET A 169 -16.88 11.93 -20.03
N GLU A 170 -16.12 12.41 -21.03
CA GLU A 170 -16.72 13.33 -22.00
C GLU A 170 -17.20 12.67 -23.28
N GLN A 171 -16.65 11.51 -23.67
CA GLN A 171 -17.00 10.86 -24.93
C GLN A 171 -17.65 9.48 -24.78
N ASN A 172 -17.29 8.71 -23.77
CA ASN A 172 -17.81 7.36 -23.62
C ASN A 172 -19.32 7.38 -23.34
N ASN A 173 -20.10 6.72 -24.18
CA ASN A 173 -21.54 6.67 -23.96
C ASN A 173 -22.00 5.33 -23.39
N HIS A 174 -21.07 4.42 -23.07
CA HIS A 174 -21.53 3.19 -22.42
C HIS A 174 -21.89 3.42 -20.96
N PHE A 175 -21.03 4.16 -20.24
CA PHE A 175 -21.28 4.52 -18.86
C PHE A 175 -22.32 5.64 -18.82
N SER A 176 -23.27 5.51 -17.90
CA SER A 176 -24.38 6.45 -17.83
C SER A 176 -23.96 7.74 -17.15
N LYS A 177 -24.73 8.80 -17.40
CA LYS A 177 -24.44 10.08 -16.76
C LYS A 177 -24.69 10.00 -15.26
N LYS A 178 -25.67 9.21 -14.83
CA LYS A 178 -25.87 8.98 -13.40
C LYS A 178 -24.60 8.45 -12.75
N ALA A 179 -24.02 7.38 -13.31
CA ALA A 179 -22.79 6.83 -12.76
C ALA A 179 -21.65 7.85 -12.78
N LYS A 180 -21.53 8.63 -13.86
CA LYS A 180 -20.48 9.63 -13.94
C LYS A 180 -20.66 10.70 -12.87
N ASN A 181 -21.89 11.12 -12.61
CA ASN A 181 -22.14 12.12 -11.58
C ASN A 181 -21.84 11.55 -10.20
N GLN A 182 -22.14 10.28 -9.97
CA GLN A 182 -21.82 9.69 -8.66
C GLN A 182 -20.31 9.59 -8.47
N LEU A 183 -19.58 9.20 -9.52
CA LEU A 183 -18.13 9.22 -9.45
C LEU A 183 -17.63 10.63 -9.12
N SER A 184 -18.14 11.63 -9.85
CA SER A 184 -17.65 13.01 -9.64
C SER A 184 -17.90 13.45 -8.20
N SER A 185 -19.09 13.16 -7.67
CA SER A 185 -19.39 13.57 -6.31
C SER A 185 -18.41 12.90 -5.33
N SER A 186 -18.00 11.65 -5.61
CA SER A 186 -17.03 10.98 -4.74
C SER A 186 -15.61 11.53 -4.89
N LEU A 187 -15.33 12.26 -5.97
CA LEU A 187 -14.00 12.79 -6.23
C LEU A 187 -13.87 14.26 -5.87
N LEU A 188 -14.96 14.89 -5.43
CA LEU A 188 -14.91 16.31 -5.13
C LEU A 188 -14.00 16.58 -3.94
N ILE A 189 -13.05 17.49 -4.12
CA ILE A 189 -12.11 17.86 -3.07
C ILE A 189 -12.32 19.29 -2.58
N LYS A 190 -12.50 20.24 -3.53
CA LYS A 190 -12.68 21.66 -3.22
C LYS A 190 -13.85 22.22 -4.06
N LYS A 191 -14.61 23.12 -3.46
CA LYS A 191 -15.64 23.83 -4.21
C LYS A 191 -15.77 25.23 -3.64
N ASN A 192 -15.76 26.22 -4.52
CA ASN A 192 -15.98 27.61 -4.16
C ASN A 192 -16.54 28.32 -5.39
N GLU A 193 -16.71 29.64 -5.27
CA GLU A 193 -17.31 30.41 -6.35
C GLU A 193 -16.41 30.48 -7.58
N LYS A 194 -15.13 30.18 -7.43
CA LYS A 194 -14.18 30.28 -8.52
C LYS A 194 -13.99 28.96 -9.25
N TYR A 195 -13.96 27.85 -8.53
CA TYR A 195 -13.67 26.57 -9.16
C TYR A 195 -14.15 25.39 -8.32
N GLU A 196 -14.26 24.25 -8.98
CA GLU A 196 -14.48 22.96 -8.34
C GLU A 196 -13.34 22.03 -8.71
N LEU A 197 -12.68 21.45 -7.71
CA LEU A 197 -11.52 20.60 -7.92
C LEU A 197 -11.89 19.18 -7.56
N TYR A 198 -11.69 18.25 -8.49
CA TYR A 198 -11.92 16.83 -8.32
C TYR A 198 -10.62 16.08 -8.54
N GLY A 199 -10.44 14.97 -7.84
CA GLY A 199 -9.29 14.14 -8.14
C GLY A 199 -9.11 13.00 -7.15
N LYS A 200 -8.11 12.18 -7.48
CA LYS A 200 -7.73 11.03 -6.68
C LYS A 200 -6.21 10.91 -6.63
N THR A 201 -5.68 10.70 -5.42
CA THR A 201 -4.27 10.48 -5.24
C THR A 201 -3.97 8.97 -5.33
N GLY A 202 -2.71 8.67 -5.65
CA GLY A 202 -2.17 7.33 -5.53
C GLY A 202 -0.74 7.38 -5.02
N THR A 203 -0.37 6.37 -4.25
CA THR A 203 0.95 6.27 -3.62
C THR A 203 1.40 4.83 -3.73
N GLY A 204 2.48 4.58 -4.49
CA GLY A 204 3.11 3.27 -4.52
C GLY A 204 4.23 3.18 -3.51
N ILE A 205 4.32 2.03 -2.85
CA ILE A 205 5.30 1.77 -1.81
C ILE A 205 6.17 0.58 -2.22
N VAL A 206 7.49 0.77 -2.18
CA VAL A 206 8.43 -0.31 -2.43
C VAL A 206 9.53 -0.27 -1.37
N ASN A 207 9.82 -1.42 -0.76
CA ASN A 207 10.86 -1.51 0.27
C ASN A 207 10.67 -0.42 1.34
N GLY A 208 9.43 -0.27 1.77
CA GLY A 208 9.11 0.57 2.91
C GLY A 208 9.17 2.06 2.65
N LYS A 209 9.13 2.48 1.40
CA LYS A 209 9.29 3.90 1.07
C LYS A 209 8.46 4.25 -0.15
N TYR A 210 8.14 5.54 -0.27
CA TYR A 210 7.48 6.04 -1.49
C TYR A 210 8.23 5.57 -2.73
N ASN A 211 7.51 5.14 -3.75
CA ASN A 211 8.11 4.75 -5.01
C ASN A 211 7.42 5.40 -6.22
N ASN A 212 6.22 5.96 -6.04
CA ASN A 212 5.30 6.22 -7.13
C ASN A 212 4.19 7.12 -6.59
N GLY A 213 4.11 8.33 -7.07
CA GLY A 213 3.11 9.29 -6.60
C GLY A 213 2.26 9.78 -7.75
N TRP A 214 0.95 9.86 -7.50
CA TRP A 214 -0.02 10.27 -8.51
C TRP A 214 -1.05 11.24 -7.96
N PHE A 215 -1.52 12.17 -8.81
CA PHE A 215 -2.77 12.89 -8.57
C PHE A 215 -3.45 13.10 -9.92
N VAL A 216 -4.64 12.55 -10.08
CA VAL A 216 -5.36 12.57 -11.35
C VAL A 216 -6.70 13.23 -11.08
N GLY A 217 -7.10 14.19 -11.90
CA GLY A 217 -8.40 14.81 -11.70
C GLY A 217 -8.82 15.76 -12.80
N TYR A 218 -9.76 16.64 -12.45
CA TYR A 218 -10.21 17.70 -13.34
C TYR A 218 -10.73 18.84 -12.49
N VAL A 219 -10.77 20.02 -13.09
CA VAL A 219 -11.21 21.26 -12.48
C VAL A 219 -12.29 21.89 -13.38
N ILE A 220 -13.39 22.33 -12.76
CA ILE A 220 -14.43 23.08 -13.45
C ILE A 220 -14.34 24.53 -12.98
N THR A 221 -14.10 25.46 -13.89
CA THR A 221 -14.15 26.88 -13.58
C THR A 221 -15.39 27.48 -14.23
N ASN A 222 -15.59 28.78 -14.02
CA ASN A 222 -16.72 29.46 -14.65
C ASN A 222 -16.57 29.55 -16.16
N HIS A 223 -15.39 29.27 -16.72
CA HIS A 223 -15.14 29.47 -18.13
C HIS A 223 -14.62 28.24 -18.86
N ASP A 224 -14.26 27.15 -18.18
CA ASP A 224 -13.61 26.04 -18.87
C ASP A 224 -13.63 24.84 -17.93
N LYS A 225 -13.22 23.71 -18.48
CA LYS A 225 -13.02 22.49 -17.72
C LYS A 225 -11.69 21.89 -18.13
N TYR A 226 -10.85 21.57 -17.14
CA TYR A 226 -9.50 21.07 -17.40
C TYR A 226 -9.33 19.69 -16.78
N TYR A 227 -8.86 18.73 -17.57
CA TYR A 227 -8.39 17.45 -17.04
C TYR A 227 -6.88 17.50 -16.83
N PHE A 228 -6.39 16.84 -15.78
CA PHE A 228 -4.96 16.98 -15.47
C PHE A 228 -4.50 15.77 -14.69
N ALA A 229 -3.17 15.56 -14.72
CA ALA A 229 -2.54 14.55 -13.87
C ALA A 229 -1.08 14.91 -13.61
N THR A 230 -0.63 14.68 -12.39
CA THR A 230 0.77 14.79 -12.01
C THR A 230 1.25 13.41 -11.59
N HIS A 231 2.42 13.03 -12.09
CA HIS A 231 3.09 11.81 -11.66
C HIS A 231 4.49 12.12 -11.17
N LEU A 232 4.86 11.50 -10.05
CA LEU A 232 6.19 11.62 -9.47
C LEU A 232 6.86 10.26 -9.52
N SER A 233 8.05 10.23 -10.12
CA SER A 233 8.87 9.06 -10.30
C SER A 233 10.02 8.94 -9.30
N ASP A 234 10.41 10.02 -8.64
CA ASP A 234 11.60 10.00 -7.81
C ASP A 234 11.63 11.28 -6.96
N GLY A 235 12.54 11.29 -5.99
CA GLY A 235 12.58 12.34 -5.00
C GLY A 235 11.79 11.95 -3.76
N LYS A 236 10.60 12.54 -3.60
CA LYS A 236 9.66 12.14 -2.56
C LYS A 236 8.32 11.85 -3.23
N PRO A 237 8.22 10.74 -3.95
CA PRO A 237 7.07 10.52 -4.87
C PRO A 237 5.85 9.96 -4.15
N SER A 238 5.23 10.81 -3.35
CA SER A 238 4.01 10.46 -2.65
C SER A 238 2.80 11.04 -3.36
N GLY A 239 1.64 10.44 -3.07
CA GLY A 239 0.41 10.99 -3.60
C GLY A 239 0.15 12.39 -3.12
N LYS A 240 0.48 12.67 -1.85
CA LYS A 240 0.23 14.01 -1.32
C LYS A 240 1.16 15.02 -1.98
N ASN A 241 2.41 14.62 -2.23
CA ASN A 241 3.32 15.51 -2.95
C ASN A 241 2.80 15.80 -4.35
N ALA A 242 2.29 14.78 -5.04
CA ALA A 242 1.72 15.00 -6.37
C ALA A 242 0.52 15.94 -6.33
N GLU A 243 -0.28 15.84 -5.28
CA GLU A 243 -1.43 16.72 -5.15
C GLU A 243 -1.00 18.16 -4.91
N LEU A 244 -0.03 18.36 -4.03
CA LEU A 244 0.45 19.70 -3.74
C LEU A 244 1.10 20.34 -4.97
N ILE A 245 1.88 19.57 -5.72
CA ILE A 245 2.48 20.13 -6.94
C ILE A 245 1.39 20.44 -7.95
N SER A 246 0.39 19.57 -8.03
CA SER A 246 -0.73 19.83 -8.92
C SER A 246 -1.37 21.18 -8.61
N GLU A 247 -1.64 21.45 -7.33
CA GLU A 247 -2.32 22.69 -6.97
C GLU A 247 -1.47 23.91 -7.29
N LYS A 248 -0.15 23.82 -7.04
CA LYS A 248 0.73 24.95 -7.34
C LYS A 248 0.74 25.25 -8.83
N ILE A 249 0.79 24.21 -9.66
CA ILE A 249 0.85 24.41 -11.11
C ILE A 249 -0.44 25.01 -11.61
N LEU A 250 -1.57 24.44 -11.21
CA LEU A 250 -2.85 24.97 -11.67
C LEU A 250 -3.03 26.42 -11.25
N LYS A 251 -2.58 26.75 -10.04
CA LYS A 251 -2.66 28.13 -9.56
C LYS A 251 -1.78 29.03 -10.41
N GLU A 252 -0.52 28.63 -10.60
CA GLU A 252 0.42 29.45 -11.36
C GLU A 252 -0.07 29.66 -12.79
N MET A 253 -0.69 28.64 -13.37
CA MET A 253 -1.21 28.73 -14.72
C MET A 253 -2.52 29.50 -14.80
N GLY A 254 -3.03 30.02 -13.68
CA GLY A 254 -4.27 30.78 -13.71
C GLY A 254 -5.55 29.97 -13.76
N VAL A 255 -5.48 28.64 -13.64
CA VAL A 255 -6.70 27.84 -13.69
C VAL A 255 -7.59 28.11 -12.48
N LEU A 256 -7.00 28.50 -11.35
CA LEU A 256 -7.78 28.68 -10.12
C LEU A 256 -8.14 30.15 -9.86
N ASN A 257 -7.84 31.04 -10.80
CA ASN A 257 -8.13 32.46 -10.62
C ASN A 257 -9.64 32.67 -10.66
N TYR B 11 -8.01 0.45 20.04
CA TYR B 11 -8.18 0.28 21.47
C TYR B 11 -6.87 0.49 22.23
N ASN B 12 -6.85 0.04 23.48
CA ASN B 12 -5.66 -0.06 24.29
C ASN B 12 -5.44 -1.50 24.68
N TYR B 13 -4.19 -1.93 24.66
CA TYR B 13 -3.81 -3.22 25.23
C TYR B 13 -3.57 -2.98 26.71
N LYS B 14 -4.47 -3.48 27.55
CA LYS B 14 -4.46 -3.16 28.96
C LYS B 14 -3.88 -4.26 29.84
N LYS B 15 -3.73 -5.47 29.32
CA LYS B 15 -3.32 -6.60 30.14
C LYS B 15 -1.97 -6.32 30.81
N PRO B 16 -1.84 -6.49 32.12
CA PRO B 16 -0.55 -6.21 32.76
C PRO B 16 0.51 -7.19 32.26
N LEU B 17 1.76 -6.72 32.25
CA LEU B 17 2.90 -7.52 31.86
C LEU B 17 3.44 -8.13 33.15
N HIS B 18 3.26 -9.45 33.36
CA HIS B 18 3.77 -10.11 34.57
C HIS B 18 5.21 -10.63 34.33
N ASN B 19 6.10 -9.67 34.12
CA ASN B 19 7.51 -9.91 33.79
C ASN B 19 8.27 -8.74 34.39
N ASP B 20 9.51 -9.01 34.81
CA ASP B 20 10.40 -7.97 35.35
C ASP B 20 11.14 -7.28 34.20
N TYR B 21 10.39 -6.43 33.49
CA TYR B 21 10.88 -5.83 32.25
C TYR B 21 11.67 -4.55 32.49
N GLN B 22 12.63 -4.32 31.58
CA GLN B 22 13.50 -3.15 31.59
C GLN B 22 12.91 -2.07 30.68
N ILE B 23 12.82 -0.85 31.19
CA ILE B 23 12.39 0.27 30.36
C ILE B 23 13.60 0.99 29.81
N LEU B 24 13.55 1.29 28.53
CA LEU B 24 14.62 1.89 27.77
C LEU B 24 14.39 3.38 27.54
N ASP B 25 15.46 4.07 27.15
CA ASP B 25 15.37 5.43 26.66
C ASP B 25 16.10 5.47 25.32
N LYS B 26 15.36 5.27 24.25
CA LYS B 26 15.90 5.37 22.90
C LYS B 26 15.41 6.62 22.21
N SER B 27 15.11 7.66 22.99
CA SER B 27 14.58 8.91 22.43
C SER B 27 15.55 9.54 21.44
N LYS B 28 16.86 9.42 21.69
CA LYS B 28 17.81 10.04 20.77
C LYS B 28 17.73 9.41 19.39
N ILE B 29 17.72 8.06 19.34
CA ILE B 29 17.67 7.39 18.06
C ILE B 29 16.36 7.69 17.35
N PHE B 30 15.26 7.81 18.09
CA PHE B 30 13.97 8.08 17.45
C PHE B 30 13.91 9.48 16.86
N GLY B 31 14.60 10.44 17.49
CA GLY B 31 14.66 11.80 16.94
C GLY B 31 13.29 12.44 16.88
N SER B 32 12.97 12.99 15.71
CA SER B 32 11.67 13.63 15.47
C SER B 32 10.52 12.64 15.35
N ASN B 33 10.81 11.35 15.24
CA ASN B 33 9.77 10.35 15.07
C ASN B 33 9.17 9.96 16.41
N SER B 34 7.86 9.67 16.39
CA SER B 34 7.13 9.14 17.54
C SER B 34 6.84 7.66 17.35
N GLY B 35 6.96 6.90 18.43
CA GLY B 35 6.62 5.48 18.40
C GLY B 35 7.21 4.78 19.63
N SER B 36 7.45 3.47 19.47
CA SER B 36 7.89 2.65 20.58
C SER B 36 8.74 1.53 20.03
N PHE B 37 9.51 0.91 20.93
CA PHE B 37 10.32 -0.24 20.60
C PHE B 37 10.16 -1.27 21.72
N VAL B 38 9.99 -2.53 21.34
CA VAL B 38 9.84 -3.61 22.32
C VAL B 38 10.74 -4.75 21.92
N MET B 39 11.39 -5.38 22.92
CA MET B 39 12.23 -6.55 22.68
C MET B 39 11.99 -7.59 23.77
N TYR B 40 12.26 -8.84 23.43
CA TYR B 40 12.11 -9.95 24.38
C TYR B 40 13.25 -10.91 24.16
N SER B 41 13.92 -11.28 25.26
CA SER B 41 15.02 -12.23 25.23
C SER B 41 14.51 -13.61 25.63
N MET B 42 14.74 -14.60 24.76
CA MET B 42 14.34 -15.97 25.07
C MET B 42 15.09 -16.50 26.28
N LYS B 43 16.41 -16.28 26.32
CA LYS B 43 17.24 -16.91 27.33
C LYS B 43 16.94 -16.33 28.71
N LYS B 44 16.68 -15.02 28.77
CA LYS B 44 16.41 -14.36 30.04
C LYS B 44 14.92 -14.30 30.38
N ASP B 45 14.05 -14.55 29.41
CA ASP B 45 12.60 -14.39 29.60
C ASP B 45 12.31 -13.00 30.14
N LYS B 46 12.76 -11.99 29.40
CA LYS B 46 12.74 -10.61 29.86
C LYS B 46 12.31 -9.73 28.70
N TYR B 47 11.45 -8.76 29.00
CA TYR B 47 11.03 -7.77 28.03
C TYR B 47 11.82 -6.49 28.23
N TYR B 48 12.02 -5.75 27.13
CA TYR B 48 12.65 -4.43 27.11
C TYR B 48 11.77 -3.51 26.28
N ILE B 49 11.40 -2.35 26.85
CA ILE B 49 10.38 -1.50 26.26
C ILE B 49 10.83 -0.06 26.29
N TYR B 50 10.77 0.61 25.14
CA TYR B 50 10.86 2.06 25.09
C TYR B 50 9.46 2.62 24.85
N ASN B 51 9.02 3.52 25.72
CA ASN B 51 7.72 4.16 25.58
C ASN B 51 6.59 3.15 25.77
N GLU B 52 6.43 2.66 27.00
CA GLU B 52 5.46 1.59 27.23
C GLU B 52 4.04 2.03 26.87
N LYS B 53 3.65 3.25 27.27
CA LYS B 53 2.32 3.74 26.95
C LYS B 53 2.03 3.64 25.46
N GLU B 54 2.94 4.17 24.64
CA GLU B 54 2.75 4.10 23.20
C GLU B 54 2.78 2.68 22.71
N SER B 55 3.55 1.81 23.36
CA SER B 55 3.66 0.41 22.96
C SER B 55 2.38 -0.36 23.19
N ARG B 56 1.42 0.21 23.93
CA ARG B 56 0.15 -0.43 24.18
C ARG B 56 -0.98 0.09 23.31
N LYS B 57 -0.74 1.12 22.51
CA LYS B 57 -1.75 1.62 21.59
C LYS B 57 -1.84 0.71 20.37
N ARG B 58 -3.06 0.42 19.95
CA ARG B 58 -3.32 -0.53 18.89
C ARG B 58 -3.41 0.22 17.57
N TYR B 59 -2.72 -0.30 16.56
CA TYR B 59 -2.67 0.29 15.24
C TYR B 59 -2.84 -0.83 14.23
N SER B 60 -3.22 -0.46 13.01
CA SER B 60 -3.30 -1.42 11.93
C SER B 60 -1.94 -2.06 11.73
N PRO B 61 -1.86 -3.40 11.58
CA PRO B 61 -0.56 -4.04 11.36
C PRO B 61 -0.02 -3.90 9.94
N ASN B 62 -0.83 -3.50 8.96
CA ASN B 62 -0.39 -3.41 7.56
C ASN B 62 0.29 -4.71 7.14
N SER B 63 1.39 -4.61 6.40
CA SER B 63 1.96 -5.84 5.82
C SER B 63 2.62 -6.74 6.86
N THR B 64 2.78 -6.32 8.12
CA THR B 64 3.30 -7.28 9.10
C THR B 64 2.34 -8.44 9.31
N TYR B 65 1.06 -8.24 9.03
CA TYR B 65 0.12 -9.35 9.13
C TYR B 65 0.37 -10.44 8.10
N LYS B 66 1.19 -10.18 7.09
CA LYS B 66 1.55 -11.25 6.16
C LYS B 66 2.27 -12.38 6.84
N ILE B 67 2.91 -12.12 7.99
CA ILE B 67 3.48 -13.19 8.80
C ILE B 67 2.44 -14.25 9.09
N TYR B 68 1.27 -13.81 9.54
CA TYR B 68 0.21 -14.73 9.95
C TYR B 68 -0.55 -15.30 8.75
N LEU B 69 -0.76 -14.48 7.70
CA LEU B 69 -1.35 -15.04 6.49
C LEU B 69 -0.49 -16.16 5.94
N ALA B 70 0.84 -16.00 6.02
CA ALA B 70 1.73 -17.06 5.55
C ALA B 70 1.59 -18.31 6.42
N MET B 71 1.54 -18.13 7.73
CA MET B 71 1.40 -19.28 8.63
C MET B 71 0.07 -19.98 8.37
N PHE B 72 -1.02 -19.22 8.25
CA PHE B 72 -2.31 -19.82 7.93
C PHE B 72 -2.27 -20.51 6.58
N GLY B 73 -1.66 -19.88 5.58
CA GLY B 73 -1.55 -20.52 4.29
C GLY B 73 -0.82 -21.84 4.34
N LEU B 74 0.27 -21.90 5.10
CA LEU B 74 1.02 -23.14 5.26
C LEU B 74 0.23 -24.16 6.07
N ASP B 75 -0.41 -23.71 7.17
CA ASP B 75 -1.16 -24.62 8.03
C ASP B 75 -2.31 -25.28 7.28
N ARG B 76 -2.96 -24.55 6.38
CA ARG B 76 -4.07 -25.10 5.62
C ARG B 76 -3.65 -25.68 4.27
N HIS B 77 -2.34 -25.73 4.00
CA HIS B 77 -1.80 -26.25 2.75
C HIS B 77 -2.27 -25.48 1.53
N ILE B 78 -2.69 -24.23 1.72
CA ILE B 78 -2.84 -23.32 0.59
C ILE B 78 -1.48 -23.04 -0.02
N ILE B 79 -0.47 -22.81 0.81
CA ILE B 79 0.91 -22.75 0.35
C ILE B 79 1.46 -24.16 0.50
N ASN B 80 1.68 -24.85 -0.61
CA ASN B 80 2.04 -26.28 -0.47
C ASN B 80 3.03 -26.77 -1.56
N ASP B 81 4.31 -26.91 -1.19
CA ASP B 81 5.32 -27.47 -2.10
C ASP B 81 5.29 -26.72 -3.44
N GLU B 82 5.26 -25.39 -3.32
CA GLU B 82 4.92 -24.57 -4.46
C GLU B 82 5.99 -24.62 -5.55
N ASN B 83 7.28 -24.51 -5.17
CA ASN B 83 8.31 -24.52 -6.20
C ASN B 83 8.60 -25.92 -6.75
N SER B 84 7.88 -26.94 -6.29
CA SER B 84 7.93 -28.24 -6.93
C SER B 84 7.29 -28.19 -8.31
N ARG B 85 7.73 -29.09 -9.19
CA ARG B 85 7.13 -29.20 -10.50
C ARG B 85 5.78 -29.89 -10.47
N MET B 86 5.43 -30.54 -9.36
CA MET B 86 4.15 -31.22 -9.22
C MET B 86 3.04 -30.19 -8.95
N ASN B 89 -0.62 -24.05 -10.41
CA ASN B 89 -0.05 -22.72 -10.27
C ASN B 89 0.43 -22.18 -11.62
N HIS B 90 -0.03 -20.98 -11.98
CA HIS B 90 0.43 -20.27 -13.17
C HIS B 90 1.22 -19.05 -12.71
N LYS B 91 2.47 -18.95 -13.16
CA LYS B 91 3.35 -17.85 -12.74
C LYS B 91 2.88 -16.54 -13.36
N HIS B 92 2.63 -15.54 -12.52
CA HIS B 92 2.14 -14.24 -12.95
C HIS B 92 3.11 -13.15 -12.53
N TYR B 93 2.84 -11.94 -13.03
CA TYR B 93 3.62 -10.77 -12.63
C TYR B 93 3.53 -10.57 -11.12
N PRO B 94 4.61 -10.11 -10.46
CA PRO B 94 5.92 -9.74 -11.00
C PRO B 94 6.91 -10.89 -11.11
N PHE B 95 6.46 -12.10 -10.80
CA PHE B 95 7.35 -13.24 -10.67
C PHE B 95 7.91 -13.73 -12.01
N ASP B 96 7.41 -13.22 -13.15
CA ASP B 96 7.98 -13.57 -14.44
C ASP B 96 8.71 -12.42 -15.11
N ALA B 97 8.39 -11.16 -14.78
CA ALA B 97 9.30 -10.05 -15.08
C ALA B 97 10.67 -10.31 -14.46
N TRP B 98 10.71 -10.46 -13.14
CA TRP B 98 11.76 -11.26 -12.51
C TRP B 98 11.57 -12.70 -12.97
N ASN B 99 12.65 -13.47 -13.08
CA ASN B 99 12.43 -14.90 -13.29
C ASN B 99 12.83 -15.62 -11.98
N LYS B 100 12.26 -15.20 -10.86
CA LYS B 100 12.35 -15.88 -9.58
C LYS B 100 11.04 -16.63 -9.33
N GLU B 101 11.12 -17.61 -8.44
CA GLU B 101 9.98 -18.48 -8.20
C GLU B 101 8.84 -17.70 -7.56
N GLN B 102 7.61 -17.99 -8.00
CA GLN B 102 6.41 -17.50 -7.33
C GLN B 102 6.23 -18.34 -6.06
N ASP B 103 7.04 -18.02 -5.05
CA ASP B 103 7.01 -18.77 -3.80
C ASP B 103 6.92 -17.81 -2.63
N LEU B 104 6.82 -18.41 -1.44
CA LEU B 104 6.65 -17.64 -0.22
C LEU B 104 7.83 -16.70 0.01
N ASN B 105 9.05 -17.19 -0.26
CA ASN B 105 10.24 -16.39 0.03
C ASN B 105 10.28 -15.14 -0.82
N THR B 106 10.05 -15.28 -2.13
CA THR B 106 10.02 -14.11 -3.02
C THR B 106 8.86 -13.18 -2.66
N ALA B 107 7.68 -13.74 -2.38
CA ALA B 107 6.53 -12.89 -2.07
C ALA B 107 6.73 -12.13 -0.76
N MET B 108 7.32 -12.78 0.24
CA MET B 108 7.53 -12.13 1.52
C MET B 108 8.62 -11.07 1.41
N GLN B 109 9.72 -11.38 0.73
CA GLN B 109 10.85 -10.45 0.67
C GLN B 109 10.49 -9.20 -0.14
N ASN B 110 9.68 -9.36 -1.18
CA ASN B 110 9.23 -8.22 -1.96
C ASN B 110 7.86 -7.72 -1.55
N SER B 111 7.23 -8.34 -0.56
CA SER B 111 5.95 -7.90 -0.03
C SER B 111 4.92 -7.71 -1.16
N VAL B 112 4.67 -8.81 -1.86
CA VAL B 112 3.76 -8.82 -3.01
C VAL B 112 2.33 -9.02 -2.53
N ASN B 113 1.50 -7.99 -2.70
CA ASN B 113 0.19 -7.99 -2.04
C ASN B 113 -0.71 -9.10 -2.58
N TRP B 114 -0.81 -9.25 -3.90
CA TRP B 114 -1.80 -10.18 -4.44
C TRP B 114 -1.53 -11.61 -3.99
N TYR B 115 -0.27 -12.00 -3.82
CA TYR B 115 0.05 -13.33 -3.34
C TYR B 115 -0.65 -13.61 -2.01
N PHE B 116 -0.62 -12.63 -1.10
CA PHE B 116 -1.20 -12.80 0.21
C PHE B 116 -2.70 -12.53 0.22
N GLU B 117 -3.18 -11.64 -0.65
CA GLU B 117 -4.63 -11.46 -0.75
C GLU B 117 -5.28 -12.75 -1.25
N ARG B 118 -4.63 -13.43 -2.19
CA ARG B 118 -5.17 -14.70 -2.69
C ARG B 118 -5.18 -15.76 -1.59
N ILE B 119 -4.14 -15.79 -0.77
CA ILE B 119 -4.16 -16.68 0.39
C ILE B 119 -5.35 -16.37 1.28
N SER B 120 -5.53 -15.10 1.66
CA SER B 120 -6.67 -14.71 2.49
C SER B 120 -7.99 -15.19 1.90
N ASP B 121 -8.17 -15.00 0.60
CA ASP B 121 -9.42 -15.38 -0.06
C ASP B 121 -9.72 -16.86 0.11
N GLN B 122 -8.71 -17.68 0.38
CA GLN B 122 -8.90 -19.11 0.51
C GLN B 122 -8.99 -19.59 1.96
N ILE B 123 -9.00 -18.67 2.92
CA ILE B 123 -9.08 -19.01 4.33
C ILE B 123 -10.47 -18.72 4.82
N PRO B 124 -11.22 -19.70 5.34
CA PRO B 124 -12.54 -19.41 5.88
C PRO B 124 -12.44 -18.43 7.05
N LYS B 125 -13.41 -17.50 7.11
CA LYS B 125 -13.41 -16.50 8.19
C LYS B 125 -13.39 -17.17 9.57
N ASN B 126 -14.20 -18.23 9.77
CA ASN B 126 -14.29 -18.82 11.11
C ASN B 126 -12.98 -19.48 11.54
N TYR B 127 -12.16 -19.96 10.59
CA TYR B 127 -10.81 -20.41 10.93
C TYR B 127 -9.95 -19.23 11.41
N THR B 128 -9.98 -18.11 10.66
CA THR B 128 -9.19 -16.95 11.03
C THR B 128 -9.62 -16.45 12.41
N ALA B 129 -10.92 -16.34 12.64
CA ALA B 129 -11.41 -15.89 13.94
C ALA B 129 -10.91 -16.80 15.07
N THR B 130 -10.91 -18.12 14.83
CA THR B 130 -10.40 -19.04 15.85
C THR B 130 -8.92 -18.81 16.08
N GLN B 131 -8.15 -18.62 15.01
CA GLN B 131 -6.72 -18.41 15.15
C GLN B 131 -6.43 -17.13 15.93
N LEU B 132 -7.06 -16.02 15.54
CA LEU B 132 -6.76 -14.76 16.20
C LEU B 132 -7.12 -14.81 17.68
N LYS B 133 -8.18 -15.54 18.01
CA LYS B 133 -8.56 -15.76 19.40
C LYS B 133 -7.47 -16.54 20.15
N GLN B 134 -7.05 -17.68 19.58
CA GLN B 134 -6.03 -18.51 20.24
C GLN B 134 -4.72 -17.75 20.35
N LEU B 135 -4.40 -16.96 19.33
CA LEU B 135 -3.17 -16.17 19.30
C LEU B 135 -3.23 -14.93 20.17
N ASN B 136 -4.42 -14.47 20.54
CA ASN B 136 -4.59 -13.18 21.22
C ASN B 136 -4.10 -12.03 20.36
N TYR B 137 -4.55 -12.00 19.11
CA TYR B 137 -4.04 -11.03 18.15
C TYR B 137 -4.87 -9.76 18.23
N GLY B 138 -4.42 -8.82 19.06
CA GLY B 138 -4.96 -7.48 19.08
C GLY B 138 -6.45 -7.45 19.32
N ASN B 139 -7.16 -6.63 18.53
CA ASN B 139 -8.60 -6.52 18.73
C ASN B 139 -9.37 -7.62 18.03
N LYS B 140 -8.71 -8.50 17.28
CA LYS B 140 -9.37 -9.65 16.68
C LYS B 140 -10.51 -9.24 15.73
N ASN B 141 -10.50 -7.99 15.27
CA ASN B 141 -11.61 -7.44 14.50
C ASN B 141 -11.36 -7.66 13.01
N LEU B 142 -12.16 -8.55 12.42
CA LEU B 142 -12.01 -8.93 11.01
C LEU B 142 -12.81 -8.06 10.06
N GLY B 143 -13.65 -7.16 10.57
CA GLY B 143 -14.34 -6.22 9.69
C GLY B 143 -15.13 -6.92 8.62
N SER B 144 -15.00 -6.40 7.39
CA SER B 144 -15.62 -6.97 6.19
C SER B 144 -14.88 -8.19 5.67
N TYR B 145 -13.82 -8.62 6.36
CA TYR B 145 -13.01 -9.77 5.98
C TYR B 145 -12.43 -9.64 4.56
N LYS B 146 -11.98 -8.42 4.23
CA LYS B 146 -11.30 -8.15 2.97
C LYS B 146 -10.19 -7.14 3.26
N SER B 147 -8.94 -7.56 3.07
CA SER B 147 -7.80 -6.73 3.40
C SER B 147 -8.01 -6.01 4.73
N TYR B 148 -8.56 -6.74 5.72
CA TYR B 148 -8.88 -6.14 7.01
C TYR B 148 -7.64 -5.68 7.77
N TRP B 149 -6.45 -6.12 7.34
CA TRP B 149 -5.19 -5.78 8.01
C TRP B 149 -4.54 -4.50 7.47
N MET B 150 -5.14 -3.85 6.47
CA MET B 150 -4.51 -2.70 5.80
C MET B 150 -5.30 -1.43 6.13
N GLU B 151 -4.84 -0.74 7.17
CA GLU B 151 -5.47 0.50 7.64
C GLU B 151 -6.99 0.36 7.68
N ASP B 152 -7.45 -0.69 8.36
CA ASP B 152 -8.88 -0.96 8.44
C ASP B 152 -9.21 -1.44 9.86
N SER B 153 -9.93 -2.55 9.99
CA SER B 153 -10.53 -2.92 11.27
C SER B 153 -9.53 -3.53 12.24
N LEU B 154 -8.63 -4.37 11.76
CA LEU B 154 -7.75 -5.12 12.65
C LEU B 154 -6.64 -4.22 13.17
N LYS B 155 -6.39 -4.30 14.48
CA LYS B 155 -5.38 -3.46 15.11
C LYS B 155 -4.72 -4.24 16.23
N ILE B 156 -3.43 -3.96 16.43
CA ILE B 156 -2.61 -4.66 17.43
C ILE B 156 -1.55 -3.68 17.90
N SER B 157 -1.13 -3.82 19.16
CA SER B 157 -0.14 -2.92 19.72
C SER B 157 1.28 -3.45 19.48
N ASN B 158 2.25 -2.55 19.56
CA ASN B 158 3.66 -2.94 19.40
C ASN B 158 4.04 -4.02 20.41
N LEU B 159 3.60 -3.86 21.68
CA LEU B 159 3.89 -4.88 22.68
C LEU B 159 3.26 -6.22 22.32
N GLU B 160 2.01 -6.20 21.83
CA GLU B 160 1.36 -7.44 21.41
C GLU B 160 2.09 -8.08 20.23
N GLN B 161 2.60 -7.27 19.31
CA GLN B 161 3.29 -7.84 18.16
C GLN B 161 4.43 -8.76 18.60
N VAL B 162 5.16 -8.36 19.64
CA VAL B 162 6.26 -9.20 20.12
C VAL B 162 5.72 -10.41 20.85
N ILE B 163 4.78 -10.19 21.78
CA ILE B 163 4.24 -11.29 22.58
C ILE B 163 3.65 -12.37 21.69
N VAL B 164 2.78 -11.96 20.76
CA VAL B 164 2.04 -12.92 19.96
C VAL B 164 2.97 -13.67 19.01
N PHE B 165 3.92 -12.97 18.39
CA PHE B 165 4.83 -13.63 17.46
C PHE B 165 5.71 -14.63 18.20
N LYS B 166 6.27 -14.22 19.34
CA LYS B 166 7.10 -15.11 20.14
C LYS B 166 6.32 -16.37 20.54
N ASN B 167 5.09 -16.19 21.03
CA ASN B 167 4.28 -17.34 21.47
C ASN B 167 3.89 -18.25 20.30
N MET B 168 3.58 -17.65 19.14
CA MET B 168 3.23 -18.47 17.98
C MET B 168 4.39 -19.36 17.57
N MET B 169 5.60 -18.80 17.51
CA MET B 169 6.76 -19.57 17.06
C MET B 169 7.31 -20.50 18.15
N GLU B 170 7.35 -20.06 19.40
CA GLU B 170 8.13 -20.76 20.42
C GLU B 170 7.33 -21.75 21.27
N GLN B 171 6.01 -21.66 21.28
CA GLN B 171 5.20 -22.55 22.12
C GLN B 171 4.71 -23.70 21.27
N ASN B 172 4.70 -24.91 21.85
CA ASN B 172 4.22 -26.08 21.12
C ASN B 172 2.72 -25.89 20.93
N ASN B 173 2.30 -25.55 19.71
CA ASN B 173 0.87 -25.37 19.42
C ASN B 173 0.44 -26.25 18.27
N HIS B 174 -0.63 -25.90 17.59
CA HIS B 174 -1.08 -26.70 16.45
C HIS B 174 -0.28 -26.43 15.19
N PHE B 175 0.35 -25.26 15.06
CA PHE B 175 1.18 -25.02 13.89
C PHE B 175 2.39 -25.93 13.91
N SER B 176 2.69 -26.53 12.77
CA SER B 176 3.80 -27.48 12.70
C SER B 176 5.13 -26.73 12.64
N LYS B 177 6.18 -27.41 13.07
CA LYS B 177 7.52 -26.83 13.04
C LYS B 177 8.04 -26.70 11.62
N LYS B 178 7.62 -27.59 10.72
CA LYS B 178 7.91 -27.40 9.30
C LYS B 178 7.38 -26.06 8.82
N ALA B 179 6.11 -25.78 9.12
CA ALA B 179 5.53 -24.50 8.74
C ALA B 179 6.31 -23.34 9.36
N LYS B 180 6.68 -23.47 10.62
CA LYS B 180 7.44 -22.41 11.29
C LYS B 180 8.81 -22.22 10.62
N ASN B 181 9.45 -23.31 10.23
CA ASN B 181 10.75 -23.20 9.57
C ASN B 181 10.63 -22.55 8.20
N GLN B 182 9.55 -22.87 7.46
CA GLN B 182 9.33 -22.26 6.16
C GLN B 182 9.01 -20.77 6.29
N LEU B 183 8.18 -20.40 7.25
CA LEU B 183 7.94 -18.98 7.52
C LEU B 183 9.24 -18.28 7.89
N SER B 184 10.00 -18.85 8.82
CA SER B 184 11.21 -18.19 9.28
C SER B 184 12.15 -17.96 8.11
N SER B 185 12.31 -18.95 7.23
CA SER B 185 13.21 -18.78 6.10
C SER B 185 12.77 -17.64 5.17
N SER B 186 11.47 -17.43 5.03
CA SER B 186 10.96 -16.36 4.20
C SER B 186 11.20 -14.98 4.83
N LEU B 187 11.53 -14.93 6.11
CA LEU B 187 11.70 -13.65 6.79
C LEU B 187 13.16 -13.24 6.95
N LEU B 188 14.12 -14.05 6.50
CA LEU B 188 15.53 -13.74 6.69
C LEU B 188 15.94 -12.50 5.93
N ILE B 189 16.52 -11.53 6.63
CA ILE B 189 16.94 -10.27 6.04
C ILE B 189 18.46 -10.12 6.01
N LYS B 190 19.13 -10.50 7.09
CA LYS B 190 20.58 -10.36 7.18
C LYS B 190 21.17 -11.57 7.87
N LYS B 191 22.36 -11.98 7.43
CA LYS B 191 23.08 -13.07 8.07
C LYS B 191 24.56 -12.82 7.94
N ASN B 192 25.27 -13.01 9.04
CA ASN B 192 26.72 -12.94 9.10
C ASN B 192 27.16 -13.85 10.24
N GLU B 193 28.45 -13.83 10.55
CA GLU B 193 28.99 -14.73 11.55
C GLU B 193 28.46 -14.44 12.94
N LYS B 194 27.94 -13.23 13.16
CA LYS B 194 27.49 -12.83 14.49
C LYS B 194 26.00 -13.04 14.72
N TYR B 195 25.16 -12.87 13.69
CA TYR B 195 23.72 -12.93 13.92
C TYR B 195 22.97 -13.20 12.61
N GLU B 196 21.72 -13.64 12.78
CA GLU B 196 20.76 -13.74 11.70
C GLU B 196 19.59 -12.84 12.09
N LEU B 197 19.23 -11.93 11.21
CA LEU B 197 18.14 -10.98 11.45
C LEU B 197 16.97 -11.33 10.55
N TYR B 198 15.80 -11.51 11.17
CA TYR B 198 14.55 -11.85 10.50
C TYR B 198 13.52 -10.77 10.77
N GLY B 199 12.61 -10.54 9.82
CA GLY B 199 11.53 -9.60 10.09
C GLY B 199 10.74 -9.20 8.86
N LYS B 200 9.72 -8.38 9.09
CA LYS B 200 8.84 -7.91 8.04
C LYS B 200 8.49 -6.46 8.33
N THR B 201 8.56 -5.62 7.31
CA THR B 201 8.17 -4.22 7.45
C THR B 201 6.69 -4.04 7.13
N GLY B 202 6.14 -2.94 7.63
CA GLY B 202 4.84 -2.49 7.19
C GLY B 202 4.79 -0.98 7.05
N THR B 203 3.99 -0.52 6.09
CA THR B 203 3.83 0.91 5.84
C THR B 203 2.35 1.20 5.58
N GLY B 204 1.72 1.93 6.49
CA GLY B 204 0.37 2.40 6.25
C GLY B 204 0.41 3.79 5.64
N ILE B 205 -0.48 4.01 4.67
CA ILE B 205 -0.59 5.27 3.96
C ILE B 205 -2.00 5.82 4.20
N VAL B 206 -2.07 7.08 4.64
CA VAL B 206 -3.35 7.78 4.79
C VAL B 206 -3.20 9.18 4.20
N ASN B 207 -4.15 9.58 3.36
CA ASN B 207 -4.12 10.88 2.71
C ASN B 207 -2.77 11.12 2.02
N GLY B 208 -2.31 10.10 1.32
CA GLY B 208 -1.17 10.24 0.43
C GLY B 208 0.18 10.35 1.08
N LYS B 209 0.32 9.95 2.35
CA LYS B 209 1.58 10.06 3.05
C LYS B 209 1.70 8.97 4.11
N TYR B 210 2.94 8.73 4.55
CA TYR B 210 3.18 7.77 5.63
C TYR B 210 2.27 8.05 6.83
N ASN B 211 1.71 6.99 7.39
CA ASN B 211 0.89 7.13 8.57
C ASN B 211 1.25 6.16 9.68
N ASN B 212 2.00 5.11 9.38
CA ASN B 212 2.06 3.92 10.21
C ASN B 212 3.23 3.09 9.72
N GLY B 213 4.27 2.96 10.54
CA GLY B 213 5.47 2.27 10.15
C GLY B 213 5.79 1.15 11.14
N TRP B 214 6.14 -0.01 10.59
CA TRP B 214 6.40 -1.18 11.40
C TRP B 214 7.67 -1.90 10.94
N PHE B 215 8.38 -2.51 11.88
CA PHE B 215 9.33 -3.58 11.56
C PHE B 215 9.23 -4.58 12.71
N VAL B 216 8.83 -5.82 12.40
CA VAL B 216 8.57 -6.86 13.39
C VAL B 216 9.46 -8.04 13.05
N GLY B 217 10.19 -8.56 14.01
CA GLY B 217 11.05 -9.67 13.67
C GLY B 217 11.74 -10.29 14.87
N TYR B 218 12.85 -10.95 14.60
CA TYR B 218 13.65 -11.56 15.66
C TYR B 218 15.07 -11.69 15.18
N VAL B 219 15.98 -11.83 16.15
CA VAL B 219 17.41 -11.96 15.89
C VAL B 219 17.90 -13.22 16.58
N ILE B 220 18.67 -14.03 15.86
CA ILE B 220 19.32 -15.21 16.44
C ILE B 220 20.81 -14.93 16.49
N THR B 221 21.38 -14.93 17.70
CA THR B 221 22.81 -14.83 17.89
C THR B 221 23.34 -16.19 18.35
N ASN B 222 24.65 -16.25 18.56
CA ASN B 222 25.24 -17.49 19.07
C ASN B 222 24.83 -17.78 20.52
N HIS B 223 24.24 -16.81 21.23
CA HIS B 223 23.95 -16.96 22.64
C HIS B 223 22.50 -16.73 23.03
N ASP B 224 21.66 -16.24 22.15
CA ASP B 224 20.30 -15.89 22.55
C ASP B 224 19.46 -15.74 21.29
N LYS B 225 18.15 -15.60 21.50
CA LYS B 225 17.19 -15.29 20.45
C LYS B 225 16.29 -14.20 20.97
N TYR B 226 16.20 -13.11 20.21
CA TYR B 226 15.45 -11.92 20.59
C TYR B 226 14.34 -11.66 19.58
N TYR B 227 13.10 -11.52 20.07
CA TYR B 227 12.00 -10.98 19.29
C TYR B 227 11.89 -9.48 19.58
N PHE B 228 11.51 -8.72 18.56
CA PHE B 228 11.47 -7.26 18.67
C PHE B 228 10.45 -6.73 17.70
N ALA B 229 9.99 -5.51 17.96
CA ALA B 229 9.17 -4.77 17.01
C ALA B 229 9.34 -3.29 17.28
N THR B 230 9.41 -2.52 16.21
CA THR B 230 9.41 -1.07 16.25
C THR B 230 8.15 -0.58 15.57
N HIS B 231 7.47 0.37 16.21
CA HIS B 231 6.35 1.05 15.57
C HIS B 231 6.56 2.55 15.60
N LEU B 232 6.29 3.19 14.46
CA LEU B 232 6.37 4.62 14.32
C LEU B 232 4.97 5.18 14.09
N SER B 233 4.55 6.12 14.93
CA SER B 233 3.24 6.74 14.80
C SER B 233 3.26 8.09 14.10
N ASP B 234 4.40 8.78 14.08
CA ASP B 234 4.44 10.15 13.57
C ASP B 234 5.88 10.53 13.26
N GLY B 235 6.04 11.68 12.62
CA GLY B 235 7.34 12.09 12.11
C GLY B 235 7.50 11.65 10.68
N LYS B 236 8.27 10.59 10.46
CA LYS B 236 8.35 9.94 9.15
C LYS B 236 8.04 8.46 9.37
N PRO B 237 6.76 8.12 9.57
CA PRO B 237 6.43 6.74 10.02
C PRO B 237 6.29 5.75 8.88
N SER B 238 7.41 5.44 8.25
CA SER B 238 7.47 4.47 7.18
C SER B 238 8.03 3.16 7.70
N GLY B 239 7.80 2.09 6.93
CA GLY B 239 8.39 0.80 7.25
C GLY B 239 9.91 0.83 7.20
N LYS B 240 10.48 1.52 6.21
CA LYS B 240 11.93 1.54 6.11
C LYS B 240 12.55 2.32 7.26
N ASN B 241 11.90 3.41 7.70
CA ASN B 241 12.39 4.12 8.87
C ASN B 241 12.31 3.25 10.13
N ALA B 242 11.21 2.52 10.31
CA ALA B 242 11.09 1.63 11.46
C ALA B 242 12.19 0.57 11.45
N GLU B 243 12.55 0.09 10.26
CA GLU B 243 13.63 -0.88 10.13
C GLU B 243 14.97 -0.26 10.49
N LEU B 244 15.25 0.95 9.99
CA LEU B 244 16.53 1.58 10.31
C LEU B 244 16.64 1.87 11.80
N ILE B 245 15.56 2.34 12.40
CA ILE B 245 15.56 2.59 13.84
C ILE B 245 15.75 1.28 14.61
N SER B 246 15.09 0.21 14.16
CA SER B 246 15.30 -1.09 14.77
C SER B 246 16.79 -1.44 14.77
N GLU B 247 17.44 -1.29 13.62
CA GLU B 247 18.85 -1.68 13.52
C GLU B 247 19.73 -0.84 14.43
N LYS B 248 19.47 0.46 14.52
CA LYS B 248 20.27 1.31 15.39
C LYS B 248 20.14 0.87 16.85
N ILE B 249 18.92 0.57 17.28
CA ILE B 249 18.69 0.19 18.67
C ILE B 249 19.30 -1.18 18.95
N LEU B 250 19.03 -2.16 18.09
CA LEU B 250 19.62 -3.48 18.32
C LEU B 250 21.16 -3.42 18.33
N LYS B 251 21.76 -2.58 17.49
CA LYS B 251 23.21 -2.44 17.51
C LYS B 251 23.70 -1.88 18.85
N GLU B 252 23.11 -0.78 19.28
CA GLU B 252 23.53 -0.10 20.50
C GLU B 252 23.37 -0.99 21.72
N MET B 253 22.32 -1.82 21.72
CA MET B 253 22.07 -2.75 22.82
C MET B 253 22.97 -3.97 22.81
N GLY B 254 23.91 -4.06 21.87
CA GLY B 254 24.82 -5.18 21.82
C GLY B 254 24.23 -6.43 21.22
N VAL B 255 23.01 -6.38 20.70
CA VAL B 255 22.42 -7.58 20.12
C VAL B 255 23.14 -7.99 18.85
N LEU B 256 23.72 -7.05 18.12
CA LEU B 256 24.39 -7.34 16.86
C LEU B 256 25.91 -7.36 16.97
N ASN B 257 26.47 -7.18 18.17
CA ASN B 257 27.92 -7.14 18.33
C ASN B 257 28.51 -8.53 18.15
OAC NXL C . -2.52 4.38 -3.99
OAC NXL C . -2.56 4.46 -3.95
CAN NXL C . -3.52 4.06 -3.36
CAN NXL C . -3.46 3.99 -3.26
N NXL C . -3.40 3.49 -2.02
N NXL C . -3.14 3.47 -1.90
CAJ NXL C . -4.63 3.20 -1.30
CAJ NXL C . -1.84 3.53 -1.22
CA NXL C . -2.07 3.38 -1.51
CA NXL C . -4.19 2.95 -1.11
C NXL C . -1.57 1.98 -1.16
C NXL C . -4.54 4.16 -0.19
O NXL C . -2.07 1.36 -0.24
O NXL C . -4.68 5.28 -0.70
NAA NXL C . -0.49 1.44 -1.93
NAA NXL C . -4.68 4.07 1.23
CB NXL C . -1.95 4.23 -0.25
CB NXL C . -3.74 1.66 -0.41
CAH NXL C . -3.21 4.28 0.62
CAH NXL C . -2.45 1.08 -0.93
CAO NXL C . -4.51 4.23 -0.12
CAO NXL C . -1.31 2.06 -1.11
NAK NXL C . -4.77 5.55 -0.69
NAK NXL C . -0.51 1.53 -2.20
OAL NXL C . -3.74 6.03 -1.47
OAL NXL C . -0.36 0.16 -2.15
SAR NXL C . -3.65 7.53 -1.34
SAR NXL C . 0.73 -0.31 -3.09
OAD NXL C . -4.82 8.15 -2.05
OAD NXL C . 0.31 -0.17 -4.52
OAE NXL C . -2.46 8.09 -2.14
OAE NXL C . 0.90 -1.86 -3.03
OAG NXL C . -3.66 7.94 0.11
OAG NXL C . 2.06 0.35 -2.81
H2 NXL C . -4.65 2.25 -0.96
H2 NXL C . -1.20 4.09 -1.75
H3 NXL C . -5.44 3.38 -1.87
H3 NXL C . -1.95 3.93 -0.31
H4 NXL C . -1.46 3.57 -2.21
H4 NXL C . -5.03 2.73 -1.50
H5 NXL C . -0.11 1.93 -2.63
H5 NXL C . -4.58 3.24 1.65
H6 NXL C . -0.16 0.59 -1.74
H6 NXL C . -4.88 4.83 1.73
H7 NXL C . -1.20 3.88 0.31
H7 NXL C . -4.46 0.99 -0.53
H8 NXL C . -1.74 5.17 -0.52
H8 NXL C . -3.63 1.85 0.55
H9 NXL C . -3.19 5.10 1.14
H9 NXL C . -2.15 0.39 -0.30
H10 NXL C . -3.18 3.50 1.23
H10 NXL C . -2.62 0.66 -1.80
H11 NXL C . -5.17 3.97 0.53
H11 NXL C . -0.70 2.13 -0.36
H12 NXL C . -5.55 5.49 -1.26
H12 NXL C . 0.37 1.93 -2.15
OAC NXL D . 2.51 -2.67 4.75
OAC NXL D . 2.56 -2.74 4.75
CAN NXL D . 2.61 -3.47 3.85
CAN NXL D . 2.52 -3.40 3.74
N NXL D . 2.40 -2.99 2.48
N NXL D . 2.36 -2.63 2.47
CAJ NXL D . 2.60 -3.94 1.42
CAJ NXL D . 2.31 -1.18 2.27
CA NXL D . 2.16 -1.58 2.32
CA NXL D . 2.33 -3.33 1.24
C NXL D . 0.81 -1.24 1.69
C NXL D . 3.72 -3.19 0.60
O NXL D . 0.53 -1.74 0.61
O NXL D . 4.65 -3.95 0.83
NAA NXL D . -0.10 -0.33 2.36
NAA NXL D . 3.97 -2.04 -0.25
CB NXL D . 3.23 -0.93 1.42
CB NXL D . 1.28 -2.74 0.32
CAH NXL D . 3.69 -1.85 0.30
CAH NXL D . 0.22 -1.92 1.02
CAO NXL D . 3.81 -3.31 0.65
CAO NXL D . 0.87 -0.79 1.78
NAK NXL D . 5.01 -3.55 1.44
NAK NXL D . -0.06 -0.34 2.81
OAL NXL D . 5.04 -2.89 2.65
OAL NXL D . -1.38 -0.38 2.41
SAR NXL D . 6.48 -2.64 3.08
SAR NXL D . -2.25 0.35 3.41
OAD NXL D . 7.26 -2.08 1.87
OAD NXL D . -3.66 0.62 2.84
OAE NXL D . 7.13 -3.88 3.58
OAE NXL D . -2.35 -0.45 4.68
OAG NXL D . 6.56 -1.50 4.05
OAG NXL D . -1.78 1.76 3.68
H2 NXL D . 1.79 -4.02 0.84
H2 NXL D . 2.52 -0.71 3.13
H3 NXL D . 2.83 -4.85 1.79
H3 NXL D . 2.98 -0.91 1.56
H4 NXL D . 2.05 -1.20 3.18
H4 NXL D . 2.21 -4.27 1.34
H5 NXL D . 0.15 0.04 3.18
H5 NXL D . 4.81 -1.91 -0.63
H6 NXL D . -0.91 -0.10 1.97
H6 NXL D . 3.28 -1.44 -0.44
H7 NXL D . 2.85 -0.10 1.02
H7 NXL D . 1.74 -2.16 -0.34
H8 NXL D . 4.01 -0.68 1.99
H8 NXL D . 0.83 -3.48 -0.17
H9 NXL D . 4.56 -1.54 0.00
H9 NXL D . -0.28 -2.49 1.63
H10 NXL D . 3.05 -1.77 -0.43
H10 NXL D . -0.40 -1.54 0.35
H11 NXL D . 3.87 -3.75 -0.21
H11 NXL D . 1.00 -0.01 1.24
H12 NXL D . 5.03 -4.50 1.65
H12 NXL D . 0.15 0.57 3.03
#